data_7L22
#
_entry.id   7L22
#
_cell.length_a   52.896
_cell.length_b   54.477
_cell.length_c   90.844
_cell.angle_alpha   90.000
_cell.angle_beta   90.000
_cell.angle_gamma   90.000
#
_symmetry.space_group_name_H-M   'P 21 21 21'
#
loop_
_entity.id
_entity.type
_entity.pdbx_description
1 polymer ArrX
2 non-polymer 'SULFATE ION'
3 water water
#
_entity_poly.entity_id   1
_entity_poly.type   'polypeptide(L)'
_entity_poly.pdbx_seq_one_letter_code
;HHHHHHDYDIPTTENLYFQGAMGSSVKPIPVDLSERSTRLATVDSPGVFRVAVSSMISPLETMKGYGPVLSYIEQQTGRK
VELVQRRTYREVNELIRENKIDLAFICTYSFVEAELFGARPVAVPQVEGNPYYQAVVITRRDSGINSLEELRNKRFAFTD
PMSFSGHIALRGELVKVDRTPETFFASTFYTYSHDNSLRAVYDGIVDGATIDSLVFRSSNILYPEIGAALQVVHVSPLVG
APPVVVSPGLSEEDYQLIRRAFLNMHNEPLGKQALDTLFIDRFVMVNSGHYDYIREIAGKIEVVE
;
_entity_poly.pdbx_strand_id   A
#
loop_
_chem_comp.id
_chem_comp.type
_chem_comp.name
_chem_comp.formula
SO4 non-polymer 'SULFATE ION' 'O4 S -2'
#
# COMPACT_ATOMS: atom_id res chain seq x y z
N GLY A 47 23.22 -15.29 9.04
CA GLY A 47 21.84 -15.88 8.94
C GLY A 47 21.12 -15.48 7.67
N VAL A 48 19.96 -16.10 7.42
CA VAL A 48 19.03 -15.78 6.31
C VAL A 48 18.54 -14.33 6.51
N PHE A 49 18.35 -13.58 5.43
CA PHE A 49 17.75 -12.23 5.46
C PHE A 49 16.30 -12.39 5.01
N ARG A 50 15.34 -12.11 5.88
CA ARG A 50 13.90 -12.39 5.60
C ARG A 50 13.21 -11.10 5.19
N VAL A 51 12.49 -11.17 4.07
CA VAL A 51 11.75 -10.04 3.47
C VAL A 51 10.26 -10.40 3.51
N ALA A 52 9.44 -9.53 4.04
CA ALA A 52 7.98 -9.80 4.19
C ALA A 52 7.21 -8.93 3.22
N VAL A 53 6.19 -9.53 2.59
CA VAL A 53 5.23 -8.79 1.73
C VAL A 53 3.83 -9.34 1.97
N SER A 54 2.81 -8.62 1.53
CA SER A 54 1.41 -9.11 1.49
C SER A 54 1.28 -10.10 0.34
N SER A 55 0.57 -11.21 0.57
CA SER A 55 0.26 -12.24 -0.45
C SER A 55 -0.88 -11.77 -1.38
N MET A 56 -1.55 -10.66 -1.07
CA MET A 56 -2.82 -10.27 -1.75
C MET A 56 -2.61 -9.20 -2.83
N ILE A 57 -1.41 -8.60 -2.91
CA ILE A 57 -1.11 -7.55 -3.93
C ILE A 57 -1.12 -8.20 -5.33
N SER A 58 -0.39 -9.30 -5.50
CA SER A 58 -0.18 -9.99 -6.81
CA SER A 58 -0.19 -9.98 -6.81
C SER A 58 -0.29 -11.48 -6.61
N PRO A 59 -1.49 -12.04 -6.36
CA PRO A 59 -1.61 -13.48 -6.09
C PRO A 59 -1.07 -14.27 -7.29
N LEU A 60 -0.27 -15.30 -6.99
CA LEU A 60 0.39 -16.24 -7.94
C LEU A 60 1.61 -15.60 -8.60
N GLU A 61 1.87 -14.31 -8.42
CA GLU A 61 2.93 -13.59 -9.16
C GLU A 61 3.83 -12.83 -8.19
N THR A 62 3.78 -13.13 -6.88
CA THR A 62 4.57 -12.35 -5.89
C THR A 62 6.06 -12.62 -6.13
N MET A 63 6.49 -13.88 -6.11
CA MET A 63 7.92 -14.24 -6.31
C MET A 63 8.37 -13.75 -7.70
N LYS A 64 7.48 -13.82 -8.69
CA LYS A 64 7.76 -13.34 -10.06
C LYS A 64 8.17 -11.87 -10.01
N GLY A 65 7.41 -11.03 -9.30
CA GLY A 65 7.62 -9.58 -9.15
C GLY A 65 8.80 -9.26 -8.25
N TYR A 66 8.97 -9.98 -7.13
CA TYR A 66 10.02 -9.65 -6.14
C TYR A 66 11.34 -10.40 -6.39
N GLY A 67 11.35 -11.48 -7.15
CA GLY A 67 12.54 -12.33 -7.34
C GLY A 67 13.79 -11.49 -7.60
N PRO A 68 13.80 -10.62 -8.63
CA PRO A 68 14.98 -9.80 -8.94
C PRO A 68 15.42 -8.89 -7.79
N VAL A 69 14.51 -8.20 -7.11
CA VAL A 69 14.94 -7.37 -5.95
C VAL A 69 15.51 -8.26 -4.84
N LEU A 70 15.00 -9.47 -4.64
CA LEU A 70 15.55 -10.38 -3.59
C LEU A 70 16.98 -10.81 -3.99
N SER A 71 17.21 -11.11 -5.28
CA SER A 71 18.56 -11.47 -5.80
C SER A 71 19.50 -10.28 -5.63
N TYR A 72 19.02 -9.06 -5.88
CA TYR A 72 19.82 -7.84 -5.61
C TYR A 72 20.22 -7.76 -4.14
N ILE A 73 19.28 -7.99 -3.24
CA ILE A 73 19.58 -7.94 -1.77
C ILE A 73 20.60 -9.04 -1.45
N GLU A 74 20.51 -10.23 -2.07
CA GLU A 74 21.50 -11.31 -1.83
C GLU A 74 22.88 -10.81 -2.28
N GLN A 75 22.96 -10.17 -3.44
CA GLN A 75 24.22 -9.67 -4.00
C GLN A 75 24.81 -8.58 -3.08
N GLN A 76 23.99 -7.68 -2.55
CA GLN A 76 24.46 -6.54 -1.76
C GLN A 76 24.75 -6.98 -0.31
N THR A 77 24.09 -8.01 0.22
CA THR A 77 24.27 -8.41 1.64
C THR A 77 25.18 -9.62 1.73
N GLY A 78 25.21 -10.48 0.71
CA GLY A 78 25.90 -11.77 0.80
C GLY A 78 25.15 -12.77 1.66
N ARG A 79 23.89 -12.49 1.99
CA ARG A 79 23.03 -13.42 2.77
C ARG A 79 21.93 -14.01 1.89
N LYS A 80 21.65 -15.29 2.09
CA LYS A 80 20.45 -15.96 1.54
C LYS A 80 19.21 -15.16 1.97
N VAL A 81 18.28 -14.93 1.04
CA VAL A 81 17.03 -14.14 1.27
C VAL A 81 15.85 -15.09 1.18
N GLU A 82 14.94 -15.03 2.15
CA GLU A 82 13.69 -15.81 2.16
C GLU A 82 12.55 -14.80 2.05
N LEU A 83 11.63 -15.03 1.14
CA LEU A 83 10.41 -14.21 1.01
C LEU A 83 9.37 -14.80 1.95
N VAL A 84 8.85 -13.97 2.84
CA VAL A 84 7.82 -14.30 3.85
C VAL A 84 6.53 -13.57 3.44
N GLN A 85 5.48 -14.33 3.15
CA GLN A 85 4.18 -13.72 2.77
C GLN A 85 3.18 -13.86 3.91
N ARG A 86 2.29 -12.86 4.04
CA ARG A 86 1.08 -12.96 4.87
C ARG A 86 -0.08 -12.30 4.12
N ARG A 87 -1.30 -12.74 4.40
CA ARG A 87 -2.49 -12.19 3.73
C ARG A 87 -2.76 -10.76 4.23
N THR A 88 -2.53 -10.48 5.52
CA THR A 88 -2.94 -9.19 6.14
C THR A 88 -1.71 -8.37 6.55
N TYR A 89 -1.86 -7.06 6.47
CA TYR A 89 -0.84 -6.08 6.89
C TYR A 89 -0.67 -6.14 8.42
N ARG A 90 -1.72 -6.42 9.19
CA ARG A 90 -1.55 -6.64 10.65
C ARG A 90 -0.52 -7.78 10.90
N GLU A 91 -0.62 -8.93 10.24
CA GLU A 91 0.32 -10.07 10.42
C GLU A 91 1.74 -9.65 10.02
N VAL A 92 1.88 -8.88 8.95
CA VAL A 92 3.21 -8.42 8.50
C VAL A 92 3.78 -7.53 9.59
N ASN A 93 2.98 -6.60 10.11
CA ASN A 93 3.46 -5.67 11.16
C ASN A 93 3.88 -6.43 12.43
N GLU A 94 3.17 -7.49 12.80
CA GLU A 94 3.55 -8.34 13.96
C GLU A 94 4.93 -8.99 13.71
N LEU A 95 5.20 -9.48 12.52
CA LEU A 95 6.52 -10.07 12.17
C LEU A 95 7.62 -9.03 12.40
N ILE A 96 7.37 -7.79 11.98
CA ILE A 96 8.34 -6.67 12.16
C ILE A 96 8.50 -6.46 13.67
N ARG A 97 7.39 -6.33 14.38
CA ARG A 97 7.41 -5.93 15.81
C ARG A 97 8.25 -6.97 16.56
N GLU A 98 8.07 -8.24 16.26
CA GLU A 98 8.73 -9.36 16.99
C GLU A 98 10.09 -9.67 16.37
N ASN A 99 10.59 -8.85 15.45
CA ASN A 99 11.93 -9.02 14.82
C ASN A 99 12.03 -10.44 14.25
N LYS A 100 10.95 -10.95 13.69
CA LYS A 100 10.93 -12.28 13.02
C LYS A 100 11.37 -12.14 11.56
N ILE A 101 11.44 -10.92 11.04
CA ILE A 101 11.88 -10.65 9.64
C ILE A 101 12.80 -9.44 9.69
N ASP A 102 13.53 -9.18 8.60
CA ASP A 102 14.57 -8.12 8.54
C ASP A 102 14.00 -6.89 7.85
N LEU A 103 13.30 -7.09 6.73
CA LEU A 103 12.84 -6.00 5.86
C LEU A 103 11.41 -6.31 5.42
N ALA A 104 10.63 -5.27 5.21
CA ALA A 104 9.23 -5.44 4.80
C ALA A 104 8.82 -4.36 3.80
N PHE A 105 8.09 -4.76 2.76
CA PHE A 105 7.37 -3.86 1.84
C PHE A 105 5.95 -3.75 2.38
N ILE A 106 5.65 -2.66 3.08
CA ILE A 106 4.33 -2.49 3.75
C ILE A 106 3.62 -1.30 3.10
N CYS A 107 2.36 -1.12 3.43
CA CYS A 107 1.55 0.01 2.91
C CYS A 107 1.80 1.22 3.81
N THR A 108 1.28 2.39 3.46
CA THR A 108 1.62 3.66 4.12
CA THR A 108 1.63 3.66 4.13
C THR A 108 1.04 3.72 5.54
N TYR A 109 -0.20 3.24 5.75
CA TYR A 109 -0.77 3.29 7.11
C TYR A 109 -0.02 2.30 8.02
N SER A 110 0.27 1.10 7.52
CA SER A 110 1.10 0.09 8.24
C SER A 110 2.39 0.79 8.72
N PHE A 111 2.98 1.59 7.87
CA PHE A 111 4.27 2.23 8.17
C PHE A 111 4.11 3.15 9.38
N VAL A 112 3.02 3.92 9.38
CA VAL A 112 2.74 4.90 10.44
C VAL A 112 2.59 4.17 11.77
N GLU A 113 1.91 3.03 11.81
CA GLU A 113 1.86 2.15 13.02
C GLU A 113 3.24 1.52 13.33
N ALA A 114 3.98 1.01 12.34
CA ALA A 114 5.28 0.31 12.54
C ALA A 114 6.32 1.24 13.15
N GLU A 115 6.36 2.53 12.78
CA GLU A 115 7.31 3.52 13.34
CA GLU A 115 7.32 3.53 13.34
C GLU A 115 7.16 3.56 14.88
N LEU A 116 5.94 3.42 15.38
CA LEU A 116 5.61 3.51 16.84
CA LEU A 116 5.69 3.56 16.85
C LEU A 116 6.30 2.39 17.64
N PHE A 117 6.62 1.26 16.99
CA PHE A 117 7.30 0.15 17.72
C PHE A 117 8.74 0.03 17.21
N GLY A 118 9.25 1.06 16.55
CA GLY A 118 10.68 1.17 16.20
C GLY A 118 11.04 0.66 14.80
N ALA A 119 10.07 0.31 13.93
CA ALA A 119 10.41 0.02 12.51
C ALA A 119 11.05 1.28 11.93
N ARG A 120 12.13 1.16 11.15
CA ARG A 120 12.83 2.32 10.57
C ARG A 120 12.66 2.35 9.06
N PRO A 121 12.33 3.52 8.47
CA PRO A 121 12.22 3.64 7.01
C PRO A 121 13.59 3.54 6.35
N VAL A 122 13.65 2.82 5.24
CA VAL A 122 14.84 2.61 4.37
C VAL A 122 14.77 3.64 3.24
N ALA A 123 13.67 3.64 2.51
CA ALA A 123 13.50 4.41 1.26
C ALA A 123 12.06 4.24 0.75
N VAL A 124 11.65 5.10 -0.17
CA VAL A 124 10.30 5.06 -0.79
C VAL A 124 10.51 4.88 -2.30
N PRO A 125 9.64 4.11 -2.97
CA PRO A 125 9.74 3.95 -4.42
C PRO A 125 9.35 5.27 -5.10
N GLN A 126 10.13 5.67 -6.10
CA GLN A 126 9.72 6.71 -7.09
C GLN A 126 9.25 5.98 -8.36
N VAL A 127 7.93 5.93 -8.55
CA VAL A 127 7.29 5.02 -9.53
C VAL A 127 7.30 5.73 -10.89
N GLU A 128 7.41 4.96 -11.97
CA GLU A 128 7.45 5.52 -13.35
C GLU A 128 6.22 6.41 -13.50
N GLY A 129 6.41 7.60 -14.08
CA GLY A 129 5.37 8.63 -14.16
C GLY A 129 5.41 9.53 -12.95
N ASN A 130 6.33 9.28 -12.01
CA ASN A 130 6.43 9.91 -10.66
C ASN A 130 5.02 10.26 -10.16
N PRO A 131 4.19 9.26 -9.80
CA PRO A 131 2.81 9.53 -9.45
C PRO A 131 2.70 10.28 -8.11
N TYR A 132 1.47 10.73 -7.85
CA TYR A 132 1.04 11.22 -6.52
C TYR A 132 0.06 10.16 -6.00
N TYR A 133 0.04 9.95 -4.68
CA TYR A 133 -0.73 8.88 -4.02
C TYR A 133 -1.91 9.51 -3.29
N GLN A 134 -3.09 9.02 -3.63
CA GLN A 134 -4.32 9.35 -2.90
C GLN A 134 -5.28 8.17 -2.97
N ALA A 135 -6.21 8.15 -2.04
CA ALA A 135 -7.40 7.28 -2.08
C ALA A 135 -8.41 7.87 -3.05
N VAL A 136 -9.04 7.02 -3.85
CA VAL A 136 -10.18 7.39 -4.74
C VAL A 136 -11.38 6.58 -4.31
N VAL A 137 -12.53 7.23 -4.25
CA VAL A 137 -13.82 6.56 -3.99
C VAL A 137 -14.51 6.36 -5.34
N ILE A 138 -14.88 5.12 -5.65
CA ILE A 138 -15.45 4.80 -6.99
C ILE A 138 -16.86 4.28 -6.78
N THR A 139 -17.76 4.63 -7.70
CA THR A 139 -19.10 4.01 -7.81
C THR A 139 -19.31 3.68 -9.29
N ARG A 140 -20.40 3.02 -9.64
CA ARG A 140 -20.72 2.82 -11.08
C ARG A 140 -21.32 4.13 -11.59
N ARG A 141 -21.00 4.49 -12.82
CA ARG A 141 -21.58 5.68 -13.54
C ARG A 141 -23.11 5.57 -13.62
N ASP A 142 -23.67 4.37 -13.75
CA ASP A 142 -25.13 4.16 -13.88
C ASP A 142 -25.79 4.01 -12.51
N SER A 143 -25.07 4.19 -11.39
CA SER A 143 -25.62 4.02 -10.02
C SER A 143 -26.47 5.22 -9.62
N GLY A 144 -26.22 6.40 -10.18
CA GLY A 144 -26.77 7.67 -9.65
C GLY A 144 -26.16 8.06 -8.31
N ILE A 145 -25.04 7.45 -7.90
CA ILE A 145 -24.34 7.85 -6.63
C ILE A 145 -23.09 8.63 -7.05
N ASN A 146 -23.12 9.96 -6.91
CA ASN A 146 -22.17 10.86 -7.61
C ASN A 146 -21.30 11.60 -6.60
N SER A 147 -21.38 11.24 -5.32
CA SER A 147 -20.61 11.85 -4.24
C SER A 147 -20.49 10.87 -3.07
N LEU A 148 -19.58 11.18 -2.15
CA LEU A 148 -19.35 10.41 -0.91
C LEU A 148 -20.61 10.51 -0.03
N GLU A 149 -21.19 11.70 0.03
CA GLU A 149 -22.45 12.00 0.75
C GLU A 149 -23.55 11.01 0.37
N GLU A 150 -23.73 10.75 -0.93
CA GLU A 150 -24.81 9.89 -1.47
C GLU A 150 -24.54 8.41 -1.16
N LEU A 151 -23.39 8.05 -0.55
CA LEU A 151 -23.09 6.65 -0.12
C LEU A 151 -23.59 6.36 1.31
N ARG A 152 -24.14 7.37 2.01
CA ARG A 152 -24.81 7.16 3.31
C ARG A 152 -25.86 6.06 3.14
N ASN A 153 -25.88 5.06 4.03
CA ASN A 153 -26.87 3.96 4.01
C ASN A 153 -26.66 3.08 2.78
N LYS A 154 -25.47 3.08 2.16
CA LYS A 154 -25.16 2.16 1.04
C LYS A 154 -24.14 1.10 1.46
N ARG A 155 -23.90 0.14 0.55
CA ARG A 155 -22.96 -0.98 0.77
CA ARG A 155 -22.96 -0.98 0.77
C ARG A 155 -21.56 -0.52 0.34
N PHE A 156 -20.54 -0.73 1.16
CA PHE A 156 -19.20 -0.17 0.88
C PHE A 156 -18.12 -1.22 1.11
N ALA A 157 -17.13 -1.27 0.20
CA ALA A 157 -15.98 -2.20 0.31
C ALA A 157 -14.73 -1.43 0.71
N PHE A 158 -14.02 -1.99 1.67
CA PHE A 158 -12.64 -1.65 2.10
C PHE A 158 -11.72 -2.79 1.64
N THR A 159 -10.41 -2.58 1.72
CA THR A 159 -9.43 -3.61 1.33
C THR A 159 -9.01 -4.30 2.62
N ASP A 160 -7.91 -3.84 3.19
CA ASP A 160 -7.29 -4.37 4.43
C ASP A 160 -7.56 -3.29 5.48
N PRO A 161 -7.92 -3.66 6.72
CA PRO A 161 -8.10 -2.66 7.77
C PRO A 161 -6.89 -1.71 8.00
N MET A 162 -5.69 -2.15 7.67
CA MET A 162 -4.48 -1.33 7.92
CA MET A 162 -4.42 -1.40 7.89
C MET A 162 -4.04 -0.58 6.66
N SER A 163 -4.93 -0.46 5.66
CA SER A 163 -4.64 0.29 4.41
C SER A 163 -5.17 1.72 4.56
N PHE A 164 -4.38 2.70 4.07
CA PHE A 164 -4.82 4.11 4.05
C PHE A 164 -5.84 4.24 2.90
N SER A 165 -5.40 3.95 1.69
CA SER A 165 -6.21 4.17 0.47
C SER A 165 -7.42 3.22 0.44
N GLY A 166 -7.31 2.07 1.13
CA GLY A 166 -8.33 1.03 1.15
C GLY A 166 -9.21 1.04 2.37
N HIS A 167 -9.04 2.01 3.28
CA HIS A 167 -9.79 2.04 4.56
C HIS A 167 -9.65 3.36 5.29
N ILE A 168 -8.47 3.66 5.83
CA ILE A 168 -8.29 4.68 6.90
C ILE A 168 -8.59 6.07 6.34
N ALA A 169 -8.26 6.35 5.06
CA ALA A 169 -8.55 7.64 4.40
C ALA A 169 -10.03 7.97 4.59
N LEU A 170 -10.90 6.98 4.37
CA LEU A 170 -12.37 7.19 4.44
C LEU A 170 -12.83 7.21 5.89
N ARG A 171 -12.25 6.37 6.76
CA ARG A 171 -12.56 6.42 8.21
C ARG A 171 -12.18 7.80 8.77
N GLY A 172 -11.01 8.32 8.38
CA GLY A 172 -10.59 9.67 8.78
C GLY A 172 -11.56 10.77 8.32
N GLU A 173 -11.94 10.75 7.05
CA GLU A 173 -12.92 11.67 6.40
C GLU A 173 -14.23 11.72 7.21
N LEU A 174 -14.79 10.57 7.57
CA LEU A 174 -16.14 10.47 8.18
C LEU A 174 -16.15 11.13 9.57
N VAL A 175 -14.98 11.21 10.23
CA VAL A 175 -14.80 11.93 11.53
C VAL A 175 -15.43 13.34 11.43
N LYS A 176 -15.21 14.06 10.34
CA LYS A 176 -15.74 15.44 10.13
C LYS A 176 -17.24 15.48 10.44
N VAL A 177 -18.00 14.41 10.17
CA VAL A 177 -19.48 14.41 10.41
C VAL A 177 -19.81 13.50 11.58
N ASP A 178 -18.85 13.28 12.49
CA ASP A 178 -19.00 12.46 13.73
C ASP A 178 -19.62 11.10 13.37
N ARG A 179 -19.16 10.47 12.30
CA ARG A 179 -19.60 9.10 11.96
C ARG A 179 -18.40 8.19 11.77
N THR A 180 -18.66 6.90 11.76
CA THR A 180 -17.70 5.85 11.40
C THR A 180 -18.31 5.14 10.20
N PRO A 181 -17.52 4.31 9.49
CA PRO A 181 -18.07 3.52 8.39
C PRO A 181 -19.30 2.73 8.85
N GLU A 182 -19.26 2.21 10.07
CA GLU A 182 -20.35 1.36 10.65
C GLU A 182 -21.61 2.22 10.86
N THR A 183 -21.50 3.50 11.15
CA THR A 183 -22.70 4.34 11.43
C THR A 183 -23.03 5.20 10.22
N PHE A 184 -22.27 5.11 9.12
CA PHE A 184 -22.51 5.90 7.90
C PHE A 184 -23.07 4.98 6.81
N PHE A 185 -22.42 3.85 6.56
CA PHE A 185 -22.79 2.84 5.53
C PHE A 185 -23.81 1.85 6.12
N ALA A 186 -24.63 1.26 5.26
CA ALA A 186 -25.56 0.16 5.63
C ALA A 186 -24.74 -1.09 5.94
N SER A 187 -23.68 -1.36 5.17
CA SER A 187 -22.78 -2.48 5.47
C SER A 187 -21.39 -2.22 4.90
N THR A 188 -20.39 -2.85 5.46
CA THR A 188 -19.00 -2.74 4.97
C THR A 188 -18.39 -4.13 4.91
N PHE A 189 -17.42 -4.31 4.02
CA PHE A 189 -16.68 -5.58 3.86
C PHE A 189 -15.22 -5.29 3.51
N TYR A 190 -14.31 -6.06 4.08
CA TYR A 190 -12.84 -5.99 3.86
C TYR A 190 -12.49 -7.09 2.86
N THR A 191 -12.20 -6.69 1.64
CA THR A 191 -11.94 -7.64 0.52
C THR A 191 -10.48 -8.12 0.53
N TYR A 192 -9.58 -7.38 1.18
CA TYR A 192 -8.11 -7.61 1.20
C TYR A 192 -7.50 -7.43 -0.20
N SER A 193 -8.17 -6.73 -1.11
CA SER A 193 -7.67 -6.56 -2.50
C SER A 193 -8.29 -5.32 -3.13
N HIS A 194 -7.46 -4.39 -3.60
CA HIS A 194 -7.93 -3.20 -4.37
C HIS A 194 -8.68 -3.67 -5.61
N ASP A 195 -8.15 -4.66 -6.31
CA ASP A 195 -8.78 -5.22 -7.54
C ASP A 195 -10.13 -5.88 -7.21
N ASN A 196 -10.23 -6.62 -6.13
CA ASN A 196 -11.52 -7.27 -5.77
C ASN A 196 -12.56 -6.21 -5.35
N SER A 197 -12.12 -5.16 -4.65
CA SER A 197 -12.99 -4.03 -4.24
C SER A 197 -13.57 -3.39 -5.51
N LEU A 198 -12.70 -3.21 -6.49
CA LEU A 198 -13.05 -2.61 -7.80
C LEU A 198 -14.02 -3.55 -8.50
N ARG A 199 -13.76 -4.86 -8.48
CA ARG A 199 -14.66 -5.84 -9.12
C ARG A 199 -16.04 -5.81 -8.44
N ALA A 200 -16.09 -5.70 -7.12
CA ALA A 200 -17.34 -5.75 -6.35
C ALA A 200 -18.22 -4.53 -6.68
N VAL A 201 -17.61 -3.35 -6.92
CA VAL A 201 -18.37 -2.16 -7.37
C VAL A 201 -18.94 -2.43 -8.77
N TYR A 202 -18.10 -2.95 -9.65
CA TYR A 202 -18.46 -3.22 -11.04
C TYR A 202 -19.66 -4.18 -11.09
N ASP A 203 -19.66 -5.20 -10.22
CA ASP A 203 -20.70 -6.27 -10.18
C ASP A 203 -21.96 -5.85 -9.42
N GLY A 204 -21.99 -4.67 -8.78
CA GLY A 204 -23.13 -4.20 -7.98
C GLY A 204 -23.26 -4.93 -6.65
N ILE A 205 -22.22 -5.66 -6.22
CA ILE A 205 -22.20 -6.33 -4.89
C ILE A 205 -22.12 -5.27 -3.80
N VAL A 206 -21.30 -4.22 -4.00
CA VAL A 206 -21.31 -3.01 -3.14
C VAL A 206 -21.65 -1.81 -4.01
N ASP A 207 -21.99 -0.67 -3.39
CA ASP A 207 -22.37 0.59 -4.09
C ASP A 207 -21.15 1.48 -4.31
N GLY A 208 -20.12 1.30 -3.49
CA GLY A 208 -18.87 2.08 -3.60
C GLY A 208 -17.72 1.39 -2.92
N ALA A 209 -16.51 1.86 -3.19
CA ALA A 209 -15.28 1.33 -2.58
C ALA A 209 -14.24 2.44 -2.53
N THR A 210 -13.26 2.31 -1.65
CA THR A 210 -12.10 3.22 -1.61
C THR A 210 -10.88 2.41 -2.00
N ILE A 211 -10.11 2.91 -2.96
CA ILE A 211 -8.93 2.18 -3.46
C ILE A 211 -7.79 3.14 -3.79
N ASP A 212 -6.63 2.54 -3.98
CA ASP A 212 -5.36 3.19 -4.37
C ASP A 212 -5.58 3.84 -5.74
N SER A 213 -5.28 5.12 -5.87
CA SER A 213 -5.39 5.79 -7.20
CA SER A 213 -5.34 5.83 -7.18
C SER A 213 -4.51 5.07 -8.24
N LEU A 214 -3.33 4.57 -7.85
N LEU A 214 -3.34 4.54 -7.87
CA LEU A 214 -2.40 3.85 -8.78
CA LEU A 214 -2.44 3.87 -8.85
C LEU A 214 -3.12 2.62 -9.34
C LEU A 214 -3.06 2.56 -9.33
N VAL A 215 -3.76 1.83 -8.46
CA VAL A 215 -4.49 0.60 -8.86
C VAL A 215 -5.63 0.96 -9.79
N PHE A 216 -6.37 2.04 -9.50
CA PHE A 216 -7.52 2.42 -10.36
C PHE A 216 -6.99 2.78 -11.76
N ARG A 217 -5.91 3.55 -11.84
CA ARG A 217 -5.24 3.98 -13.10
CA ARG A 217 -5.31 3.97 -13.13
C ARG A 217 -4.85 2.73 -13.90
N SER A 218 -4.09 1.84 -13.28
CA SER A 218 -3.59 0.61 -13.93
CA SER A 218 -3.59 0.61 -13.93
C SER A 218 -4.76 -0.28 -14.35
N SER A 219 -5.81 -0.33 -13.56
CA SER A 219 -6.97 -1.21 -13.87
C SER A 219 -7.73 -0.67 -15.09
N ASN A 220 -7.87 0.65 -15.24
CA ASN A 220 -8.55 1.30 -16.39
C ASN A 220 -7.86 0.96 -17.73
N ILE A 221 -6.54 0.94 -17.73
CA ILE A 221 -5.68 0.54 -18.88
C ILE A 221 -5.90 -0.95 -19.18
N LEU A 222 -5.65 -1.85 -18.23
CA LEU A 222 -5.67 -3.33 -18.42
C LEU A 222 -7.10 -3.84 -18.70
N TYR A 223 -8.13 -3.26 -18.07
CA TYR A 223 -9.56 -3.68 -18.19
C TYR A 223 -10.43 -2.45 -18.46
N PRO A 224 -10.31 -1.86 -19.66
CA PRO A 224 -10.96 -0.57 -19.92
C PRO A 224 -12.49 -0.70 -19.91
N GLU A 225 -13.05 -1.89 -20.13
CA GLU A 225 -14.53 -2.09 -20.15
C GLU A 225 -15.06 -1.98 -18.72
N ILE A 226 -14.29 -2.46 -17.74
CA ILE A 226 -14.60 -2.27 -16.29
C ILE A 226 -14.40 -0.80 -15.89
N GLY A 227 -13.29 -0.19 -16.29
CA GLY A 227 -13.01 1.21 -15.95
C GLY A 227 -14.12 2.14 -16.41
N ALA A 228 -14.62 1.92 -17.62
CA ALA A 228 -15.60 2.80 -18.31
C ALA A 228 -16.91 2.83 -17.53
N ALA A 229 -17.24 1.74 -16.81
CA ALA A 229 -18.49 1.62 -16.04
C ALA A 229 -18.36 2.39 -14.72
N LEU A 230 -17.16 2.81 -14.36
CA LEU A 230 -16.85 3.35 -13.01
C LEU A 230 -16.47 4.83 -13.11
N GLN A 231 -16.60 5.52 -11.99
CA GLN A 231 -16.26 6.96 -11.88
C GLN A 231 -15.67 7.16 -10.49
N VAL A 232 -14.79 8.14 -10.37
CA VAL A 232 -14.26 8.62 -9.08
C VAL A 232 -15.15 9.77 -8.59
N VAL A 233 -15.74 9.63 -7.41
CA VAL A 233 -16.71 10.65 -6.90
C VAL A 233 -16.05 11.48 -5.82
N HIS A 234 -14.90 11.03 -5.32
CA HIS A 234 -14.19 11.67 -4.20
C HIS A 234 -12.72 11.24 -4.23
N VAL A 235 -11.81 12.16 -3.93
CA VAL A 235 -10.34 11.90 -3.81
C VAL A 235 -9.92 12.44 -2.45
N SER A 236 -8.98 11.73 -1.83
CA SER A 236 -8.37 12.07 -0.52
C SER A 236 -7.29 13.11 -0.73
N PRO A 237 -6.76 13.66 0.36
CA PRO A 237 -5.49 14.38 0.34
C PRO A 237 -4.35 13.48 -0.13
N LEU A 238 -3.27 14.10 -0.65
CA LEU A 238 -2.02 13.41 -1.08
C LEU A 238 -1.25 12.93 0.15
N VAL A 239 -0.63 11.75 0.03
CA VAL A 239 0.26 11.16 1.07
C VAL A 239 1.48 10.61 0.34
N GLY A 240 2.53 10.31 1.09
CA GLY A 240 3.75 9.78 0.48
C GLY A 240 3.57 8.35 -0.03
N ALA A 241 4.51 7.87 -0.84
CA ALA A 241 4.57 6.48 -1.30
C ALA A 241 4.80 5.56 -0.09
N PRO A 242 4.40 4.28 -0.12
CA PRO A 242 4.69 3.35 0.96
C PRO A 242 6.20 3.11 1.11
N PRO A 243 6.81 3.35 2.29
CA PRO A 243 8.24 3.18 2.48
C PRO A 243 8.57 1.70 2.70
N VAL A 244 9.79 1.31 2.32
CA VAL A 244 10.38 0.00 2.72
C VAL A 244 10.87 0.21 4.15
N VAL A 245 10.64 -0.74 5.05
CA VAL A 245 11.11 -0.63 6.46
C VAL A 245 11.98 -1.83 6.83
N VAL A 246 12.77 -1.64 7.87
CA VAL A 246 13.49 -2.72 8.57
C VAL A 246 12.92 -2.83 9.99
N SER A 247 13.04 -4.00 10.55
CA SER A 247 12.61 -4.32 11.94
CA SER A 247 12.64 -4.34 11.94
C SER A 247 13.43 -3.48 12.92
N PRO A 248 12.87 -3.20 14.12
CA PRO A 248 13.59 -2.44 15.13
C PRO A 248 14.90 -3.12 15.55
N GLY A 249 15.02 -4.45 15.40
CA GLY A 249 16.17 -5.24 15.87
C GLY A 249 17.32 -5.28 14.89
N LEU A 250 17.12 -4.90 13.63
CA LEU A 250 18.20 -4.98 12.60
C LEU A 250 19.35 -4.08 13.03
N SER A 251 20.60 -4.51 12.86
CA SER A 251 21.80 -3.73 13.25
C SER A 251 21.84 -2.42 12.45
N GLU A 252 22.42 -1.37 13.03
CA GLU A 252 22.67 -0.06 12.38
C GLU A 252 23.54 -0.27 11.14
N GLU A 253 24.47 -1.23 11.20
CA GLU A 253 25.38 -1.54 10.08
C GLU A 253 24.53 -2.13 8.94
N ASP A 254 23.65 -3.10 9.26
CA ASP A 254 22.78 -3.75 8.25
C ASP A 254 21.83 -2.69 7.67
N TYR A 255 21.36 -1.76 8.51
CA TYR A 255 20.42 -0.68 8.11
C TYR A 255 21.11 0.24 7.08
N GLN A 256 22.32 0.73 7.38
CA GLN A 256 23.11 1.58 6.46
C GLN A 256 23.43 0.85 5.15
N LEU A 257 23.83 -0.41 5.22
CA LEU A 257 24.06 -1.23 4.00
C LEU A 257 22.75 -1.29 3.20
N ILE A 258 21.65 -1.60 3.87
CA ILE A 258 20.36 -1.80 3.15
C ILE A 258 19.94 -0.46 2.56
N ARG A 259 20.02 0.62 3.33
CA ARG A 259 19.68 1.97 2.80
C ARG A 259 20.51 2.29 1.56
N ARG A 260 21.83 2.13 1.61
CA ARG A 260 22.74 2.43 0.47
C ARG A 260 22.33 1.55 -0.72
N ALA A 261 22.02 0.28 -0.48
CA ALA A 261 21.66 -0.69 -1.55
C ALA A 261 20.40 -0.18 -2.25
N PHE A 262 19.40 0.26 -1.49
CA PHE A 262 18.12 0.77 -2.05
C PHE A 262 18.36 2.11 -2.76
N LEU A 263 19.05 3.04 -2.11
CA LEU A 263 19.21 4.41 -2.67
C LEU A 263 20.08 4.38 -3.94
N ASN A 264 20.89 3.34 -4.16
CA ASN A 264 21.85 3.25 -5.31
C ASN A 264 21.39 2.19 -6.32
N MET A 265 20.19 1.60 -6.13
CA MET A 265 19.74 0.40 -6.88
C MET A 265 19.71 0.68 -8.40
N HIS A 266 19.30 1.89 -8.77
CA HIS A 266 19.25 2.38 -10.17
C HIS A 266 20.67 2.53 -10.77
N ASN A 267 21.76 2.42 -10.00
CA ASN A 267 23.16 2.51 -10.51
C ASN A 267 23.83 1.12 -10.56
N GLU A 268 23.06 0.04 -10.39
CA GLU A 268 23.54 -1.37 -10.36
C GLU A 268 22.80 -2.19 -11.39
N PRO A 269 23.48 -3.04 -12.21
CA PRO A 269 22.83 -3.79 -13.28
C PRO A 269 21.66 -4.69 -12.81
N LEU A 270 21.88 -5.49 -11.77
CA LEU A 270 20.82 -6.35 -11.18
C LEU A 270 19.77 -5.43 -10.52
N GLY A 271 20.21 -4.31 -9.94
CA GLY A 271 19.34 -3.26 -9.37
C GLY A 271 18.36 -2.74 -10.40
N LYS A 272 18.84 -2.41 -11.60
CA LYS A 272 17.99 -1.91 -12.71
C LYS A 272 17.00 -3.00 -13.10
N GLN A 273 17.42 -4.27 -13.15
CA GLN A 273 16.50 -5.38 -13.49
CA GLN A 273 16.51 -5.41 -13.48
C GLN A 273 15.40 -5.46 -12.41
N ALA A 274 15.79 -5.36 -11.13
CA ALA A 274 14.82 -5.36 -9.99
C ALA A 274 13.84 -4.19 -10.15
N LEU A 275 14.33 -2.97 -10.40
CA LEU A 275 13.49 -1.76 -10.62
C LEU A 275 12.57 -1.93 -11.84
N ASP A 276 13.09 -2.34 -13.01
CA ASP A 276 12.25 -2.60 -14.22
C ASP A 276 11.10 -3.55 -13.85
N THR A 277 11.38 -4.64 -13.14
CA THR A 277 10.39 -5.70 -12.83
C THR A 277 9.28 -5.16 -11.92
N LEU A 278 9.59 -4.22 -11.04
CA LEU A 278 8.59 -3.63 -10.11
C LEU A 278 7.94 -2.37 -10.70
N PHE A 279 8.35 -1.89 -11.89
CA PHE A 279 7.86 -0.64 -12.51
C PHE A 279 8.13 0.53 -11.55
N ILE A 280 9.37 0.59 -11.06
CA ILE A 280 9.90 1.67 -10.19
C ILE A 280 11.09 2.25 -10.93
N ASP A 281 11.22 3.58 -10.94
CA ASP A 281 12.37 4.27 -11.58
C ASP A 281 13.53 4.21 -10.61
N ARG A 282 13.28 4.45 -9.32
CA ARG A 282 14.34 4.41 -8.28
C ARG A 282 13.72 4.50 -6.89
N PHE A 283 14.56 4.28 -5.88
CA PHE A 283 14.19 4.54 -4.47
C PHE A 283 14.80 5.87 -4.06
N VAL A 284 14.06 6.66 -3.30
CA VAL A 284 14.57 7.98 -2.80
C VAL A 284 14.40 8.02 -1.30
N MET A 285 15.00 9.01 -0.66
CA MET A 285 14.93 9.18 0.83
CA MET A 285 14.94 9.20 0.82
C MET A 285 13.48 9.49 1.24
N VAL A 286 13.10 9.05 2.44
CA VAL A 286 11.77 9.30 3.07
C VAL A 286 11.68 10.77 3.48
N ASN A 287 10.53 11.39 3.26
CA ASN A 287 10.19 12.71 3.82
C ASN A 287 9.06 12.41 4.80
N SER A 288 9.37 12.46 6.09
CA SER A 288 8.46 12.10 7.20
C SER A 288 7.17 12.91 7.10
N GLY A 289 7.26 14.20 6.78
CA GLY A 289 6.11 15.11 6.63
C GLY A 289 5.06 14.54 5.70
N HIS A 290 5.46 13.73 4.71
CA HIS A 290 4.56 13.17 3.66
C HIS A 290 3.48 12.28 4.29
N TYR A 291 3.60 11.87 5.55
CA TYR A 291 2.69 10.93 6.23
C TYR A 291 1.99 11.62 7.41
N ASP A 292 2.17 12.93 7.59
CA ASP A 292 1.60 13.64 8.76
C ASP A 292 0.08 13.62 8.72
N TYR A 293 -0.53 13.69 7.54
CA TYR A 293 -2.01 13.66 7.43
C TYR A 293 -2.51 12.32 8.00
N ILE A 294 -1.78 11.24 7.72
CA ILE A 294 -2.12 9.86 8.18
C ILE A 294 -1.98 9.82 9.71
N ARG A 295 -0.89 10.38 10.24
CA ARG A 295 -0.65 10.45 11.70
C ARG A 295 -1.82 11.20 12.36
N GLU A 296 -2.22 12.35 11.79
CA GLU A 296 -3.32 13.18 12.32
C GLU A 296 -4.65 12.40 12.31
N ILE A 297 -5.06 11.83 11.17
CA ILE A 297 -6.25 10.94 11.03
C ILE A 297 -6.25 9.88 12.13
N ALA A 298 -5.14 9.15 12.23
CA ALA A 298 -4.97 8.01 13.15
C ALA A 298 -5.23 8.45 14.60
N GLY A 299 -4.82 9.66 14.97
CA GLY A 299 -5.11 10.27 16.28
C GLY A 299 -6.59 10.55 16.51
N LYS A 300 -7.30 11.04 15.50
CA LYS A 300 -8.77 11.25 15.57
C LYS A 300 -9.49 9.90 15.53
N ILE A 301 -8.76 8.81 15.27
CA ILE A 301 -9.13 7.38 15.40
C ILE A 301 -10.18 7.06 14.33
S SO4 B . -1.98 2.14 1.56
O1 SO4 B . -2.72 3.21 0.96
O2 SO4 B . -1.94 2.32 3.02
O3 SO4 B . -0.61 2.14 1.09
O4 SO4 B . -2.60 0.85 1.23
#